data_5NWC
#
_entry.id   5NWC
#
_cell.length_a   91.150
_cell.length_b   98.120
_cell.length_c   118.850
_cell.angle_alpha   90.00
_cell.angle_beta   90.00
_cell.angle_gamma   90.00
#
_symmetry.space_group_name_H-M   'C 2 2 21'
#
loop_
_entity.id
_entity.type
_entity.pdbx_description
1 polymer Tankyrase-2
2 polymer Tankyrase-2
3 non-polymer 'SULFATE ION'
4 non-polymer 'ZINC ION'
5 non-polymer 2-(2-aminophenyl)-3~{H}-quinazolin-4-one
6 non-polymer GLYCEROL
7 water water
#
loop_
_entity_poly.entity_id
_entity_poly.type
_entity_poly.pdbx_seq_one_letter_code
_entity_poly.pdbx_strand_id
1 'polypeptide(L)'
;MHHHHHHSSGVDLGTENLYFQSMLNTSGSGTILIDLSPDDKEFQSVEEEMQSTVREHRDGGHAGGIFNRYNILKIQKVCN
KKLWERYTHRRKEVSEENHNHANERMLFHGSPFVNAIIHKGFDERHAYIGGMFGAGIYFAENSSKSNQYVYGIGGGTGCP
VHKDRSCYICHRQLLFCRVTLGKSFLQFSAM
;
A,B
2 'polypeptide(L)' KMAHSPPGHHSVTGRPSVNGLALAEYVIYRGEQAYPEYLITYQIMRPEG H,I
#
loop_
_chem_comp.id
_chem_comp.type
_chem_comp.name
_chem_comp.formula
9CE non-polymer 2-(2-aminophenyl)-3~{H}-quinazolin-4-one 'C14 H11 N3 O'
GOL non-polymer GLYCEROL 'C3 H8 O3'
SO4 non-polymer 'SULFATE ION' 'O4 S -2'
ZN non-polymer 'ZINC ION' 'Zn 2'
#
# COMPACT_ATOMS: atom_id res chain seq x y z
N GLY A 30 12.76 -10.70 -33.15
CA GLY A 30 11.77 -11.48 -33.95
C GLY A 30 10.31 -11.22 -33.61
N THR A 31 10.00 -10.05 -33.05
CA THR A 31 8.63 -9.72 -32.70
C THR A 31 7.93 -9.04 -33.86
N ILE A 32 6.73 -9.53 -34.15
CA ILE A 32 5.84 -8.79 -35.04
CA ILE A 32 5.78 -8.94 -35.09
C ILE A 32 4.55 -8.50 -34.31
N LEU A 33 3.96 -7.36 -34.66
CA LEU A 33 2.71 -6.90 -34.07
C LEU A 33 1.63 -6.96 -35.11
N ILE A 34 0.56 -7.68 -34.82
CA ILE A 34 -0.57 -7.81 -35.74
C ILE A 34 -1.75 -7.01 -35.19
N ASP A 35 -2.20 -6.03 -35.96
CA ASP A 35 -3.37 -5.24 -35.59
C ASP A 35 -4.63 -6.10 -35.61
N LEU A 36 -5.43 -6.01 -34.56
CA LEU A 36 -6.75 -6.62 -34.55
C LEU A 36 -7.78 -5.63 -35.03
N SER A 37 -8.72 -6.09 -35.84
CA SER A 37 -9.85 -5.27 -36.26
C SER A 37 -10.80 -5.08 -35.08
N PRO A 38 -11.41 -3.89 -34.93
CA PRO A 38 -12.45 -3.75 -33.91
C PRO A 38 -13.66 -4.67 -34.08
N ASP A 39 -13.86 -5.22 -35.28
CA ASP A 39 -14.91 -6.21 -35.55
C ASP A 39 -14.56 -7.63 -35.09
N ASP A 40 -13.30 -7.87 -34.74
CA ASP A 40 -12.81 -9.18 -34.35
C ASP A 40 -13.26 -9.46 -32.91
N LYS A 41 -13.80 -10.65 -32.67
CA LYS A 41 -14.25 -10.99 -31.32
CA LYS A 41 -14.23 -11.08 -31.33
C LYS A 41 -13.09 -10.97 -30.31
N GLU A 42 -11.88 -11.22 -30.79
CA GLU A 42 -10.69 -11.14 -29.96
C GLU A 42 -10.39 -9.71 -29.50
N PHE A 43 -10.53 -8.74 -30.41
CA PHE A 43 -10.44 -7.33 -30.05
C PHE A 43 -11.47 -7.01 -28.99
N GLN A 44 -12.70 -7.44 -29.23
CA GLN A 44 -13.82 -7.09 -28.39
C GLN A 44 -13.71 -7.67 -26.98
N SER A 45 -13.21 -8.89 -26.85
CA SER A 45 -13.09 -9.52 -25.52
C SER A 45 -11.93 -8.88 -24.72
N VAL A 46 -10.86 -8.51 -25.40
CA VAL A 46 -9.74 -7.79 -24.74
C VAL A 46 -10.20 -6.39 -24.32
N GLU A 47 -10.90 -5.65 -25.19
CA GLU A 47 -11.40 -4.33 -24.81
C GLU A 47 -12.34 -4.44 -23.61
N GLU A 48 -13.20 -5.45 -23.59
CA GLU A 48 -14.15 -5.59 -22.48
C GLU A 48 -13.41 -5.82 -21.15
N GLU A 49 -12.34 -6.61 -21.18
CA GLU A 49 -11.55 -6.84 -19.95
CA GLU A 49 -11.57 -6.83 -19.94
C GLU A 49 -10.89 -5.55 -19.50
N MET A 50 -10.36 -4.79 -20.45
CA MET A 50 -9.78 -3.49 -20.15
C MET A 50 -10.79 -2.53 -19.48
N GLN A 51 -11.94 -2.35 -20.11
CA GLN A 51 -12.93 -1.38 -19.64
C GLN A 51 -13.60 -1.82 -18.34
N SER A 52 -13.92 -3.10 -18.23
CA SER A 52 -14.72 -3.60 -17.12
C SER A 52 -13.95 -3.71 -15.81
N THR A 53 -12.61 -3.60 -15.88
CA THR A 53 -11.77 -3.71 -14.67
C THR A 53 -11.20 -2.36 -14.23
N VAL A 54 -11.75 -1.27 -14.74
CA VAL A 54 -11.45 0.05 -14.18
C VAL A 54 -12.11 0.18 -12.80
N ARG A 55 -11.37 0.73 -11.85
CA ARG A 55 -11.94 1.10 -10.55
C ARG A 55 -11.41 2.45 -10.13
N GLU A 56 -12.00 2.98 -9.06
CA GLU A 56 -11.44 4.14 -8.39
C GLU A 56 -10.25 3.71 -7.54
N HIS A 57 -9.30 4.62 -7.40
CA HIS A 57 -8.06 4.39 -6.65
C HIS A 57 -7.98 5.28 -5.43
N ARG A 58 -7.35 4.76 -4.38
CA ARG A 58 -7.28 5.45 -3.09
C ARG A 58 -6.52 6.77 -3.16
N ASP A 59 -5.71 6.97 -4.20
CA ASP A 59 -5.02 8.24 -4.43
C ASP A 59 -5.83 9.34 -5.12
N GLY A 60 -7.12 9.10 -5.36
CA GLY A 60 -7.98 10.08 -6.02
C GLY A 60 -7.60 10.37 -7.47
N GLY A 61 -6.78 9.51 -8.08
CA GLY A 61 -6.28 9.73 -9.44
C GLY A 61 -4.87 10.30 -9.54
N HIS A 62 -4.18 10.47 -8.41
CA HIS A 62 -2.85 11.08 -8.42
C HIS A 62 -1.87 10.39 -9.39
N ALA A 63 -1.75 9.07 -9.28
CA ALA A 63 -0.77 8.31 -10.07
C ALA A 63 -1.22 8.12 -11.51
N GLY A 64 -2.46 7.70 -11.71
CA GLY A 64 -2.93 7.25 -13.02
C GLY A 64 -3.86 8.18 -13.77
N GLY A 65 -4.35 9.23 -13.10
CA GLY A 65 -5.32 10.14 -13.67
C GLY A 65 -6.74 9.88 -13.23
N ILE A 66 -7.63 10.82 -13.55
CA ILE A 66 -9.04 10.75 -13.19
C ILE A 66 -9.84 10.29 -14.41
N PHE A 67 -10.43 9.10 -14.31
CA PHE A 67 -11.19 8.51 -15.41
C PHE A 67 -12.03 7.34 -14.93
N ASN A 68 -13.11 7.07 -15.66
CA ASN A 68 -13.95 5.89 -15.47
C ASN A 68 -13.86 4.88 -16.60
N ARG A 69 -13.29 5.29 -17.73
CA ARG A 69 -13.19 4.41 -18.90
C ARG A 69 -12.09 4.93 -19.82
N TYR A 70 -11.78 4.13 -20.85
CA TYR A 70 -10.73 4.44 -21.80
C TYR A 70 -11.31 4.65 -23.19
N ASN A 71 -10.53 5.35 -24.01
CA ASN A 71 -10.70 5.34 -25.45
C ASN A 71 -9.63 4.40 -25.99
N ILE A 72 -10.06 3.22 -26.43
CA ILE A 72 -9.14 2.24 -26.99
C ILE A 72 -8.84 2.66 -28.41
N LEU A 73 -7.55 2.82 -28.70
CA LEU A 73 -7.10 3.29 -30.01
C LEU A 73 -6.64 2.12 -30.90
N LYS A 74 -5.99 1.13 -30.31
CA LYS A 74 -5.47 0.00 -31.05
C LYS A 74 -5.25 -1.19 -30.12
N ILE A 75 -5.47 -2.40 -30.63
CA ILE A 75 -5.08 -3.61 -29.92
C ILE A 75 -4.29 -4.45 -30.92
N GLN A 76 -3.07 -4.78 -30.53
CA GLN A 76 -2.16 -5.59 -31.33
C GLN A 76 -1.79 -6.89 -30.64
N LYS A 77 -1.78 -7.98 -31.41
CA LYS A 77 -1.26 -9.26 -30.97
CA LYS A 77 -1.24 -9.26 -30.97
C LYS A 77 0.27 -9.22 -31.09
N VAL A 78 0.96 -9.65 -30.05
CA VAL A 78 2.41 -9.68 -30.01
C VAL A 78 2.84 -11.09 -30.32
N CYS A 79 3.58 -11.25 -31.42
CA CYS A 79 3.98 -12.58 -31.92
CA CYS A 79 3.98 -12.57 -31.92
C CYS A 79 5.50 -12.69 -31.94
N ASN A 80 6.04 -13.57 -31.10
CA ASN A 80 7.46 -13.85 -31.08
C ASN A 80 7.65 -15.31 -30.69
N LYS A 81 8.12 -16.12 -31.63
CA LYS A 81 8.17 -17.57 -31.43
C LYS A 81 9.16 -17.98 -30.33
N LYS A 82 10.33 -17.36 -30.32
CA LYS A 82 11.34 -17.61 -29.29
C LYS A 82 10.82 -17.28 -27.88
N LEU A 83 10.18 -16.11 -27.73
CA LEU A 83 9.63 -15.70 -26.43
C LEU A 83 8.44 -16.57 -26.01
N TRP A 84 7.62 -16.97 -26.98
CA TRP A 84 6.51 -17.89 -26.70
C TRP A 84 7.03 -19.25 -26.21
N GLU A 85 8.06 -19.77 -26.86
CA GLU A 85 8.63 -21.07 -26.47
C GLU A 85 9.30 -21.01 -25.09
N ARG A 86 9.93 -19.87 -24.79
CA ARG A 86 10.49 -19.62 -23.46
C ARG A 86 9.37 -19.69 -22.41
N TYR A 87 8.25 -19.04 -22.72
CA TYR A 87 7.08 -19.08 -21.83
C TYR A 87 6.53 -20.48 -21.63
N THR A 88 6.29 -21.21 -22.72
CA THR A 88 5.67 -22.54 -22.61
C THR A 88 6.59 -23.55 -21.96
N HIS A 89 7.90 -23.39 -22.16
CA HIS A 89 8.88 -24.24 -21.48
C HIS A 89 8.78 -24.10 -19.96
N ARG A 90 8.77 -22.86 -19.48
CA ARG A 90 8.62 -22.60 -18.05
C ARG A 90 7.25 -23.03 -17.54
N ARG A 91 6.22 -22.84 -18.35
CA ARG A 91 4.86 -23.19 -17.95
C ARG A 91 4.74 -24.70 -17.69
N LYS A 92 5.38 -25.50 -18.52
CA LYS A 92 5.42 -26.95 -18.33
C LYS A 92 6.17 -27.32 -17.07
N GLU A 93 7.29 -26.66 -16.79
CA GLU A 93 8.04 -26.89 -15.56
C GLU A 93 7.17 -26.63 -14.34
N VAL A 94 6.44 -25.52 -14.35
CA VAL A 94 5.59 -25.16 -13.22
C VAL A 94 4.43 -26.15 -13.09
N SER A 95 3.77 -26.45 -14.19
CA SER A 95 2.65 -27.40 -14.23
CA SER A 95 2.64 -27.37 -14.17
CA SER A 95 2.65 -27.39 -14.20
C SER A 95 3.05 -28.74 -13.61
N GLU A 96 4.22 -29.23 -14.02
CA GLU A 96 4.69 -30.52 -13.50
C GLU A 96 5.03 -30.51 -12.01
N GLU A 97 5.35 -29.33 -11.46
CA GLU A 97 5.55 -29.14 -10.03
C GLU A 97 4.24 -28.89 -9.25
N ASN A 98 3.11 -28.84 -9.94
CA ASN A 98 1.85 -28.40 -9.34
C ASN A 98 0.69 -29.20 -9.90
N HIS A 99 0.79 -30.53 -9.77
CA HIS A 99 -0.25 -31.46 -10.25
C HIS A 99 -0.88 -31.09 -11.60
N ASN A 100 0.00 -30.84 -12.58
CA ASN A 100 -0.39 -30.52 -13.95
CA ASN A 100 -0.39 -30.53 -13.96
C ASN A 100 -1.31 -29.31 -14.05
N HIS A 101 -1.02 -28.31 -13.22
CA HIS A 101 -1.82 -27.08 -13.17
C HIS A 101 -0.91 -25.87 -13.17
N ALA A 102 -0.83 -25.21 -14.32
CA ALA A 102 -0.05 -23.98 -14.46
C ALA A 102 -0.66 -22.81 -13.71
N ASN A 103 -1.97 -22.84 -13.46
CA ASN A 103 -2.69 -21.71 -12.86
C ASN A 103 -2.41 -20.44 -13.66
N GLU A 104 -2.76 -20.53 -14.94
CA GLU A 104 -2.50 -19.46 -15.89
C GLU A 104 -3.61 -18.44 -15.89
N ARG A 105 -3.23 -17.16 -15.85
CA ARG A 105 -4.17 -16.04 -15.84
C ARG A 105 -3.85 -15.08 -16.97
N MET A 106 -4.82 -14.24 -17.31
CA MET A 106 -4.58 -13.08 -18.19
C MET A 106 -4.66 -11.84 -17.32
N LEU A 107 -3.56 -11.08 -17.28
CA LEU A 107 -3.39 -9.98 -16.34
C LEU A 107 -2.77 -8.78 -17.02
N PHE A 108 -2.99 -7.59 -16.46
CA PHE A 108 -2.46 -6.35 -17.02
C PHE A 108 -1.09 -6.03 -16.47
N HIS A 109 -0.29 -5.36 -17.29
CA HIS A 109 1.01 -4.85 -16.89
C HIS A 109 1.22 -3.50 -17.53
N GLY A 110 1.51 -2.49 -16.70
CA GLY A 110 1.86 -1.16 -17.16
C GLY A 110 3.31 -0.89 -16.82
N SER A 111 4.05 -0.30 -17.75
CA SER A 111 5.46 -0.11 -17.54
C SER A 111 6.04 0.88 -18.54
N PRO A 112 7.03 1.67 -18.12
CA PRO A 112 7.76 2.46 -19.11
C PRO A 112 8.63 1.62 -20.07
N PHE A 113 8.79 0.32 -19.80
CA PHE A 113 9.66 -0.55 -20.58
C PHE A 113 8.89 -1.46 -21.57
N VAL A 114 7.65 -1.09 -21.86
CA VAL A 114 6.78 -1.86 -22.75
C VAL A 114 7.46 -2.22 -24.09
N ASN A 115 8.19 -1.27 -24.70
CA ASN A 115 8.91 -1.58 -25.94
C ASN A 115 10.00 -2.66 -25.77
N ALA A 116 10.79 -2.56 -24.71
CA ALA A 116 11.78 -3.59 -24.41
C ALA A 116 11.13 -4.96 -24.15
N ILE A 117 10.00 -4.95 -23.44
CA ILE A 117 9.34 -6.20 -23.06
C ILE A 117 8.85 -6.98 -24.28
N ILE A 118 8.20 -6.27 -25.21
CA ILE A 118 7.61 -6.96 -26.36
C ILE A 118 8.67 -7.50 -27.31
N HIS A 119 9.86 -6.91 -27.31
CA HIS A 119 10.95 -7.36 -28.19
C HIS A 119 11.89 -8.39 -27.58
N LYS A 120 12.16 -8.25 -26.28
CA LYS A 120 13.16 -9.06 -25.58
C LYS A 120 12.62 -9.96 -24.46
N GLY A 121 11.36 -9.78 -24.10
CA GLY A 121 10.72 -10.55 -23.03
C GLY A 121 10.88 -9.88 -21.68
N PHE A 122 10.10 -10.37 -20.71
CA PHE A 122 10.25 -9.93 -19.33
C PHE A 122 11.56 -10.48 -18.73
N ASP A 123 12.20 -9.68 -17.89
CA ASP A 123 13.40 -10.08 -17.15
C ASP A 123 13.61 -9.15 -15.94
N GLU A 124 14.67 -9.38 -15.17
N GLU A 124 14.67 -9.36 -15.17
CA GLU A 124 14.93 -8.62 -13.93
CA GLU A 124 14.90 -8.62 -13.92
C GLU A 124 14.91 -7.09 -14.04
C GLU A 124 14.92 -7.08 -14.03
N ARG A 125 15.20 -6.55 -15.23
CA ARG A 125 15.14 -5.10 -15.48
C ARG A 125 13.72 -4.52 -15.46
N HIS A 126 12.71 -5.39 -15.56
CA HIS A 126 11.30 -4.99 -15.56
C HIS A 126 10.61 -5.22 -14.21
N ALA A 127 11.39 -5.66 -13.22
CA ALA A 127 10.89 -5.86 -11.85
C ALA A 127 10.70 -4.55 -11.11
N TYR A 128 9.82 -4.62 -10.12
CA TYR A 128 9.56 -3.52 -9.19
C TYR A 128 10.37 -3.78 -7.94
N ILE A 129 11.51 -3.12 -7.83
CA ILE A 129 12.49 -3.44 -6.80
C ILE A 129 11.91 -3.17 -5.41
N GLY A 130 11.20 -2.04 -5.26
CA GLY A 130 10.59 -1.68 -3.97
C GLY A 130 9.18 -2.16 -3.72
N GLY A 131 8.72 -3.16 -4.47
CA GLY A 131 7.35 -3.62 -4.33
C GLY A 131 7.07 -4.26 -2.97
N MET A 132 5.82 -4.16 -2.54
CA MET A 132 5.42 -4.64 -1.20
C MET A 132 5.55 -6.15 -1.02
N PHE A 133 5.63 -6.90 -2.12
CA PHE A 133 5.86 -8.34 -2.07
C PHE A 133 7.26 -8.71 -2.58
N GLY A 134 8.20 -7.78 -2.47
CA GLY A 134 9.58 -8.01 -2.88
C GLY A 134 9.82 -7.69 -4.35
N ALA A 135 11.09 -7.76 -4.73
CA ALA A 135 11.54 -7.43 -6.07
C ALA A 135 11.11 -8.53 -7.05
N GLY A 136 10.05 -8.27 -7.77
CA GLY A 136 9.57 -9.17 -8.80
C GLY A 136 8.79 -8.36 -9.81
N ILE A 137 8.15 -9.06 -10.74
CA ILE A 137 7.40 -8.42 -11.82
C ILE A 137 5.93 -8.46 -11.44
N TYR A 138 5.28 -7.29 -11.44
CA TYR A 138 3.96 -7.13 -10.86
C TYR A 138 2.90 -7.03 -11.96
N PHE A 139 1.75 -7.65 -11.71
CA PHE A 139 0.63 -7.68 -12.63
C PHE A 139 -0.66 -7.41 -11.87
N ALA A 140 -1.68 -6.91 -12.56
CA ALA A 140 -2.93 -6.55 -11.91
C ALA A 140 -4.14 -7.08 -12.65
N GLU A 141 -5.15 -7.50 -11.90
CA GLU A 141 -6.47 -7.75 -12.47
C GLU A 141 -7.18 -6.47 -12.90
N ASN A 142 -7.02 -5.39 -12.14
CA ASN A 142 -7.59 -4.09 -12.53
C ASN A 142 -6.72 -3.41 -13.56
N SER A 143 -7.22 -3.18 -14.77
CA SER A 143 -6.44 -2.41 -15.74
C SER A 143 -6.02 -1.04 -15.22
N SER A 144 -6.91 -0.41 -14.43
CA SER A 144 -6.62 0.91 -13.88
C SER A 144 -5.46 0.89 -12.87
N LYS A 145 -5.21 -0.25 -12.22
CA LYS A 145 -4.03 -0.38 -11.37
CA LYS A 145 -4.04 -0.39 -11.37
C LYS A 145 -2.78 -0.33 -12.23
N SER A 146 -2.71 -1.15 -13.28
CA SER A 146 -1.55 -1.13 -14.18
C SER A 146 -1.38 0.23 -14.86
N ASN A 147 -2.47 0.93 -15.14
CA ASN A 147 -2.41 2.29 -15.71
C ASN A 147 -1.61 3.27 -14.84
N GLN A 148 -1.56 3.04 -13.53
CA GLN A 148 -0.77 3.89 -12.63
C GLN A 148 0.74 3.79 -12.86
N TYR A 149 1.21 2.80 -13.62
CA TYR A 149 2.64 2.52 -13.78
C TYR A 149 3.16 2.77 -15.18
N VAL A 150 2.29 3.21 -16.08
CA VAL A 150 2.64 3.46 -17.50
CA VAL A 150 2.72 3.40 -17.48
C VAL A 150 3.78 4.48 -17.61
N TYR A 151 3.70 5.53 -16.80
CA TYR A 151 4.70 6.59 -16.79
C TYR A 151 5.73 6.46 -15.64
N GLY A 152 5.79 5.29 -15.03
CA GLY A 152 6.72 5.01 -13.95
C GLY A 152 6.00 4.76 -12.64
N ILE A 153 6.79 4.51 -11.60
CA ILE A 153 6.25 4.17 -10.28
C ILE A 153 5.49 5.38 -9.76
N GLY A 154 4.27 5.16 -9.29
CA GLY A 154 3.39 6.25 -8.87
C GLY A 154 3.05 7.26 -9.97
N GLY A 155 3.15 6.84 -11.24
CA GLY A 155 2.93 7.72 -12.37
C GLY A 155 4.12 8.57 -12.76
N GLY A 156 5.25 8.45 -12.05
CA GLY A 156 6.43 9.28 -12.30
C GLY A 156 6.07 10.76 -12.36
N THR A 157 6.52 11.44 -13.39
CA THR A 157 6.16 12.85 -13.63
C THR A 157 5.07 12.99 -14.69
N GLY A 158 4.37 11.91 -15.00
CA GLY A 158 3.31 11.95 -16.00
C GLY A 158 3.84 11.82 -17.41
N CYS A 159 3.00 12.19 -18.37
CA CYS A 159 3.33 12.00 -19.79
C CYS A 159 4.58 12.80 -20.15
N PRO A 160 5.39 12.29 -21.11
CA PRO A 160 6.60 13.02 -21.51
C PRO A 160 6.36 14.44 -22.06
N VAL A 161 5.25 14.62 -22.77
CA VAL A 161 4.97 15.86 -23.50
C VAL A 161 4.48 16.97 -22.57
N HIS A 162 3.48 16.67 -21.72
CA HIS A 162 2.84 17.67 -20.85
C HIS A 162 3.16 17.56 -19.35
N LYS A 163 3.90 16.53 -18.94
CA LYS A 163 4.22 16.28 -17.52
C LYS A 163 2.97 16.17 -16.65
N ASP A 164 1.98 15.45 -17.19
CA ASP A 164 0.66 15.35 -16.60
C ASP A 164 0.33 13.87 -16.38
N ARG A 165 0.23 13.46 -15.11
CA ARG A 165 -0.19 12.08 -14.80
C ARG A 165 -1.64 11.80 -15.21
N SER A 166 -2.48 12.85 -15.33
CA SER A 166 -3.85 12.69 -15.80
C SER A 166 -4.05 13.17 -17.25
N CYS A 167 -3.01 13.07 -18.08
CA CYS A 167 -3.12 13.54 -19.45
C CYS A 167 -4.19 12.79 -20.21
N TYR A 168 -5.08 13.53 -20.87
CA TYR A 168 -6.17 12.98 -21.66
C TYR A 168 -5.83 12.99 -23.15
N ILE A 169 -4.68 13.56 -23.49
CA ILE A 169 -4.25 13.70 -24.89
C ILE A 169 -3.29 12.60 -25.31
N CYS A 170 -2.23 12.39 -24.53
CA CYS A 170 -1.15 11.47 -24.91
C CYS A 170 -1.62 10.01 -24.92
N HIS A 171 -1.09 9.25 -25.88
CA HIS A 171 -1.38 7.84 -26.04
C HIS A 171 -0.57 7.02 -25.05
N ARG A 172 -1.27 6.17 -24.30
CA ARG A 172 -0.69 5.26 -23.35
C ARG A 172 -0.72 3.86 -23.89
N GLN A 173 0.16 3.02 -23.36
CA GLN A 173 0.11 1.60 -23.69
C GLN A 173 0.16 0.72 -22.45
N LEU A 174 -0.65 -0.35 -22.47
CA LEU A 174 -0.62 -1.42 -21.47
C LEU A 174 -0.41 -2.75 -22.18
N LEU A 175 0.15 -3.72 -21.47
CA LEU A 175 0.19 -5.10 -21.92
C LEU A 175 -0.88 -5.93 -21.21
N PHE A 176 -1.53 -6.81 -21.96
CA PHE A 176 -2.44 -7.80 -21.39
C PHE A 176 -1.72 -9.13 -21.62
N CYS A 177 -1.32 -9.76 -20.53
CA CYS A 177 -0.29 -10.80 -20.51
C CYS A 177 -0.82 -12.13 -20.01
N ARG A 178 -0.27 -13.20 -20.58
CA ARG A 178 -0.52 -14.54 -20.12
C ARG A 178 0.53 -14.82 -19.05
N VAL A 179 0.07 -15.14 -17.83
CA VAL A 179 0.95 -15.29 -16.67
C VAL A 179 0.72 -16.62 -15.99
N THR A 180 1.81 -17.35 -15.76
CA THR A 180 1.79 -18.62 -15.03
C THR A 180 2.01 -18.33 -13.55
N LEU A 181 1.00 -18.61 -12.72
CA LEU A 181 1.13 -18.40 -11.27
C LEU A 181 1.59 -19.62 -10.50
N GLY A 182 1.31 -20.81 -11.04
CA GLY A 182 1.56 -22.05 -10.31
C GLY A 182 0.93 -22.01 -8.93
N LYS A 183 1.61 -22.60 -7.96
CA LYS A 183 1.25 -22.47 -6.55
C LYS A 183 1.60 -21.08 -6.04
N SER A 184 0.58 -20.28 -5.73
CA SER A 184 0.77 -18.89 -5.41
C SER A 184 0.65 -18.68 -3.91
N PHE A 185 1.60 -17.97 -3.32
CA PHE A 185 1.57 -17.64 -1.90
C PHE A 185 0.55 -16.52 -1.67
N LEU A 186 -0.43 -16.77 -0.80
CA LEU A 186 -1.49 -15.79 -0.57
CA LEU A 186 -1.50 -15.80 -0.54
C LEU A 186 -1.08 -14.82 0.54
N GLN A 187 -0.98 -13.54 0.18
CA GLN A 187 -0.67 -12.50 1.13
C GLN A 187 -1.90 -11.64 1.31
N PHE A 188 -2.47 -11.61 2.51
CA PHE A 188 -3.58 -10.72 2.79
C PHE A 188 -2.90 -9.37 3.04
N SER A 189 -3.43 -8.28 2.48
CA SER A 189 -2.78 -6.96 2.63
C SER A 189 -3.71 -5.80 2.35
N ALA A 190 -3.45 -4.67 3.00
CA ALA A 190 -4.21 -3.44 2.78
C ALA A 190 -3.85 -2.82 1.43
N MET B 2 16.20 -9.99 -9.09
CA MET B 2 14.92 -10.23 -8.45
C MET B 2 15.06 -11.13 -7.23
N ALA B 3 14.08 -11.05 -6.33
CA ALA B 3 13.95 -11.97 -5.21
C ALA B 3 13.54 -13.34 -5.72
N HIS B 4 13.51 -14.32 -4.82
CA HIS B 4 12.98 -15.63 -5.13
C HIS B 4 11.53 -15.70 -4.69
N SER B 5 10.75 -16.57 -5.32
CA SER B 5 9.41 -16.90 -4.83
C SER B 5 9.55 -17.48 -3.42
N PRO B 6 8.50 -17.36 -2.59
CA PRO B 6 8.53 -18.07 -1.31
C PRO B 6 8.79 -19.57 -1.54
N PRO B 7 9.63 -20.20 -0.69
CA PRO B 7 9.87 -21.63 -0.86
C PRO B 7 8.58 -22.44 -1.08
N GLY B 8 8.61 -23.33 -2.07
CA GLY B 8 7.47 -24.15 -2.44
C GLY B 8 6.38 -23.44 -3.22
N HIS B 9 6.64 -22.22 -3.69
CA HIS B 9 5.64 -21.41 -4.44
C HIS B 9 6.27 -20.84 -5.71
N HIS B 10 5.43 -20.52 -6.69
CA HIS B 10 5.87 -19.96 -7.98
C HIS B 10 5.50 -18.49 -8.21
N SER B 11 4.76 -17.90 -7.27
CA SER B 11 4.32 -16.52 -7.37
C SER B 11 3.76 -16.10 -6.02
N VAL B 12 3.42 -14.82 -5.90
CA VAL B 12 2.70 -14.28 -4.75
C VAL B 12 1.41 -13.63 -5.24
N THR B 13 0.33 -13.83 -4.50
CA THR B 13 -0.94 -13.15 -4.73
C THR B 13 -1.13 -12.13 -3.63
N GLY B 14 -1.28 -10.86 -4.02
CA GLY B 14 -1.62 -9.79 -3.10
C GLY B 14 -3.13 -9.66 -3.06
N ARG B 15 -3.72 -10.19 -1.98
CA ARG B 15 -5.16 -10.11 -1.78
CA ARG B 15 -5.17 -10.12 -1.76
C ARG B 15 -5.52 -8.79 -1.10
N PRO B 16 -6.55 -8.09 -1.60
CA PRO B 16 -6.93 -6.87 -0.87
C PRO B 16 -7.70 -7.20 0.42
N SER B 17 -7.31 -6.56 1.55
CA SER B 17 -7.93 -6.76 2.88
C SER B 17 -8.64 -5.53 3.48
N VAL B 18 -8.66 -4.41 2.76
CA VAL B 18 -9.29 -3.16 3.23
C VAL B 18 -10.30 -2.65 2.19
N ASN B 19 -9.80 -2.37 0.98
CA ASN B 19 -10.66 -1.92 -0.12
C ASN B 19 -11.44 -3.08 -0.71
N GLY B 20 -12.72 -3.10 -0.34
CA GLY B 20 -13.68 -4.06 -0.87
C GLY B 20 -13.83 -4.12 -2.37
N LEU B 21 -13.49 -3.05 -3.10
CA LEU B 21 -13.67 -3.09 -4.57
C LEU B 21 -12.41 -3.46 -5.36
N ALA B 22 -11.25 -3.49 -4.72
CA ALA B 22 -10.00 -3.79 -5.42
C ALA B 22 -9.89 -5.28 -5.78
N LEU B 23 -9.36 -5.53 -6.96
CA LEU B 23 -9.04 -6.88 -7.40
C LEU B 23 -7.60 -7.22 -7.04
N ALA B 24 -7.26 -8.49 -7.19
CA ALA B 24 -5.95 -8.98 -6.79
C ALA B 24 -4.83 -8.43 -7.67
N GLU B 25 -3.63 -8.44 -7.09
CA GLU B 25 -2.39 -8.18 -7.80
C GLU B 25 -1.47 -9.38 -7.59
N TYR B 26 -0.53 -9.59 -8.50
CA TYR B 26 0.27 -10.80 -8.53
C TYR B 26 1.72 -10.46 -8.83
N VAL B 27 2.63 -11.26 -8.27
CA VAL B 27 4.05 -11.08 -8.52
C VAL B 27 4.68 -12.41 -8.94
N ILE B 28 5.48 -12.36 -10.02
CA ILE B 28 6.31 -13.47 -10.44
C ILE B 28 7.77 -13.05 -10.29
N TYR B 29 8.63 -14.04 -10.14
CA TYR B 29 10.05 -13.80 -9.87
C TYR B 29 10.95 -14.36 -10.97
N ARG B 30 10.32 -14.80 -12.05
CA ARG B 30 10.99 -15.32 -13.23
CA ARG B 30 10.99 -15.30 -13.23
C ARG B 30 10.29 -14.69 -14.44
N GLY B 31 11.04 -13.95 -15.26
CA GLY B 31 10.48 -13.34 -16.47
C GLY B 31 9.83 -14.31 -17.45
N GLU B 32 10.30 -15.56 -17.44
CA GLU B 32 9.76 -16.60 -18.30
C GLU B 32 8.35 -17.02 -17.94
N GLN B 33 7.84 -16.59 -16.78
CA GLN B 33 6.46 -16.91 -16.39
C GLN B 33 5.41 -15.93 -16.89
N ALA B 34 5.78 -15.02 -17.80
CA ALA B 34 4.77 -14.19 -18.45
C ALA B 34 5.10 -14.00 -19.91
N TYR B 35 4.04 -13.90 -20.72
CA TYR B 35 4.16 -13.63 -22.14
C TYR B 35 3.27 -12.42 -22.44
N PRO B 36 3.81 -11.38 -23.10
CA PRO B 36 3.05 -10.18 -23.42
C PRO B 36 2.17 -10.41 -24.67
N GLU B 37 0.96 -10.91 -24.45
N GLU B 37 0.95 -10.87 -24.47
CA GLU B 37 0.06 -11.35 -25.54
CA GLU B 37 0.12 -11.38 -25.57
C GLU B 37 -0.45 -10.21 -26.39
C GLU B 37 -0.58 -10.27 -26.38
N TYR B 38 -0.97 -9.18 -25.73
CA TYR B 38 -1.61 -8.04 -26.38
C TYR B 38 -0.98 -6.73 -25.94
N LEU B 39 -0.78 -5.84 -26.92
CA LEU B 39 -0.35 -4.47 -26.69
C LEU B 39 -1.54 -3.58 -26.97
N ILE B 40 -1.99 -2.86 -25.95
CA ILE B 40 -3.19 -2.03 -26.04
C ILE B 40 -2.78 -0.57 -25.98
N THR B 41 -3.15 0.19 -27.01
CA THR B 41 -2.89 1.62 -27.06
C THR B 41 -4.21 2.36 -26.80
N TYR B 42 -4.17 3.36 -25.91
CA TYR B 42 -5.38 3.96 -25.40
C TYR B 42 -5.13 5.35 -24.82
N GLN B 43 -6.22 6.08 -24.64
CA GLN B 43 -6.21 7.27 -23.79
C GLN B 43 -7.17 7.04 -22.62
N ILE B 44 -6.86 7.64 -21.48
CA ILE B 44 -7.89 7.76 -20.43
C ILE B 44 -8.86 8.86 -20.86
N MET B 45 -10.14 8.69 -20.53
CA MET B 45 -11.18 9.67 -20.90
C MET B 45 -11.57 10.55 -19.72
N ARG B 46 -11.68 11.86 -19.96
CA ARG B 46 -12.13 12.80 -18.94
C ARG B 46 -13.60 12.55 -18.62
N PRO B 47 -13.94 12.34 -17.33
CA PRO B 47 -15.35 12.16 -16.97
C PRO B 47 -16.20 13.38 -17.36
N GLU B 48 -17.44 13.14 -17.79
CA GLU B 48 -18.35 14.21 -18.20
C GLU B 48 -18.93 14.94 -16.99
N GLY C 30 -13.81 12.11 1.68
CA GLY C 30 -12.87 12.95 0.90
C GLY C 30 -11.40 12.73 1.25
N THR C 31 -11.05 11.53 1.74
CA THR C 31 -9.67 11.22 2.03
C THR C 31 -9.01 10.67 0.79
N ILE C 32 -7.82 11.20 0.48
CA ILE C 32 -6.94 10.60 -0.52
C ILE C 32 -5.64 10.22 0.15
N LEU C 33 -5.04 9.14 -0.34
CA LEU C 33 -3.77 8.64 0.15
C LEU C 33 -2.73 8.77 -0.96
N ILE C 34 -1.63 9.46 -0.68
CA ILE C 34 -0.58 9.69 -1.68
C ILE C 34 0.67 8.93 -1.28
N ASP C 35 1.11 8.00 -2.12
CA ASP C 35 2.32 7.23 -1.87
C ASP C 35 3.55 8.10 -1.90
N LEU C 36 4.39 7.97 -0.87
CA LEU C 36 5.71 8.58 -0.89
C LEU C 36 6.73 7.62 -1.47
N SER C 37 7.61 8.16 -2.31
CA SER C 37 8.71 7.38 -2.86
C SER C 37 9.74 7.09 -1.78
N PRO C 38 10.30 5.87 -1.74
CA PRO C 38 11.43 5.61 -0.83
C PRO C 38 12.65 6.53 -1.04
N ASP C 39 12.79 7.10 -2.24
CA ASP C 39 13.86 8.06 -2.52
C ASP C 39 13.60 9.48 -1.98
N ASP C 40 12.38 9.72 -1.48
CA ASP C 40 11.95 11.01 -0.95
C ASP C 40 12.50 11.15 0.47
N LYS C 41 13.04 12.33 0.79
CA LYS C 41 13.52 12.63 2.15
C LYS C 41 12.41 12.49 3.18
N GLU C 42 11.17 12.81 2.80
CA GLU C 42 10.03 12.69 3.72
C GLU C 42 9.78 11.23 4.12
N PHE C 43 9.78 10.34 3.14
CA PHE C 43 9.68 8.89 3.41
C PHE C 43 10.79 8.46 4.39
N GLN C 44 12.01 8.86 4.08
CA GLN C 44 13.18 8.45 4.85
C GLN C 44 13.11 8.96 6.29
N SER C 45 12.60 10.18 6.47
CA SER C 45 12.43 10.76 7.81
C SER C 45 11.43 9.97 8.64
N VAL C 46 10.30 9.63 8.03
CA VAL C 46 9.27 8.87 8.73
C VAL C 46 9.76 7.46 9.04
N GLU C 47 10.43 6.82 8.09
CA GLU C 47 11.01 5.51 8.37
C GLU C 47 12.00 5.58 9.55
N GLU C 48 12.84 6.61 9.57
CA GLU C 48 13.84 6.71 10.64
C GLU C 48 13.15 6.94 11.99
N GLU C 49 12.07 7.70 12.01
CA GLU C 49 11.34 7.88 13.26
C GLU C 49 10.73 6.56 13.73
N MET C 50 10.20 5.76 12.80
CA MET C 50 9.72 4.41 13.14
C MET C 50 10.82 3.53 13.73
N GLN C 51 11.92 3.40 12.99
CA GLN C 51 12.99 2.46 13.34
C GLN C 51 13.71 2.86 14.62
N SER C 52 13.95 4.16 14.78
CA SER C 52 14.77 4.64 15.89
C SER C 52 14.04 4.64 17.23
N THR C 53 12.72 4.48 17.21
CA THR C 53 11.92 4.48 18.43
C THR C 53 11.38 3.10 18.76
N VAL C 54 11.93 2.05 18.17
CA VAL C 54 11.68 0.70 18.66
C VAL C 54 12.42 0.54 19.98
N ARG C 55 11.74 -0.06 20.96
CA ARG C 55 12.39 -0.49 22.20
C ARG C 55 11.94 -1.89 22.58
N GLU C 56 12.62 -2.47 23.58
CA GLU C 56 12.14 -3.69 24.22
C GLU C 56 10.97 -3.36 25.14
N HIS C 57 10.02 -4.30 25.22
CA HIS C 57 8.87 -4.17 26.07
C HIS C 57 8.91 -5.20 27.19
N ARG C 58 8.36 -4.80 28.33
CA ARG C 58 8.42 -5.60 29.55
C ARG C 58 7.58 -6.88 29.48
N ASP C 59 6.70 -6.98 28.48
CA ASP C 59 5.95 -8.20 28.22
C ASP C 59 6.70 -9.24 27.40
N GLY C 60 7.97 -8.96 27.08
CA GLY C 60 8.81 -9.88 26.33
C GLY C 60 8.37 -10.08 24.89
N GLY C 61 7.52 -9.19 24.39
CA GLY C 61 6.94 -9.32 23.05
C GLY C 61 5.53 -9.87 22.98
N HIS C 62 4.92 -10.16 24.14
CA HIS C 62 3.60 -10.78 24.17
C HIS C 62 2.56 -10.05 23.31
N ALA C 63 2.46 -8.74 23.48
CA ALA C 63 1.40 -7.99 22.82
C ALA C 63 1.74 -7.68 21.37
N GLY C 64 2.96 -7.20 21.12
CA GLY C 64 3.36 -6.67 19.81
C GLY C 64 4.27 -7.54 18.98
N GLY C 65 4.80 -8.61 19.56
CA GLY C 65 5.77 -9.48 18.89
C GLY C 65 7.21 -9.22 19.27
N ILE C 66 8.07 -10.12 18.82
CA ILE C 66 9.49 -10.05 19.10
C ILE C 66 10.21 -9.50 17.86
N PHE C 67 10.80 -8.32 18.01
CA PHE C 67 11.52 -7.64 16.93
C PHE C 67 12.37 -6.48 17.45
N ASN C 68 13.40 -6.14 16.67
CA ASN C 68 14.21 -4.95 16.89
C ASN C 68 14.06 -3.90 15.80
N ARG C 69 13.44 -4.26 14.68
CA ARG C 69 13.25 -3.34 13.57
C ARG C 69 12.10 -3.80 12.69
N TYR C 70 11.71 -2.92 11.77
CA TYR C 70 10.61 -3.17 10.84
C TYR C 70 11.11 -3.27 9.42
N ASN C 71 10.31 -3.94 8.60
CA ASN C 71 10.37 -3.81 7.16
C ASN C 71 9.26 -2.84 6.73
N ILE C 72 9.64 -1.64 6.33
CA ILE C 72 8.66 -0.64 5.91
C ILE C 72 8.28 -0.95 4.47
N LEU C 73 6.99 -1.18 4.25
CA LEU C 73 6.48 -1.57 2.92
C LEU C 73 5.94 -0.38 2.12
N LYS C 74 5.30 0.55 2.81
CA LYS C 74 4.69 1.72 2.18
C LYS C 74 4.48 2.82 3.20
N ILE C 75 4.67 4.07 2.77
CA ILE C 75 4.30 5.23 3.57
C ILE C 75 3.44 6.13 2.70
N GLN C 76 2.24 6.44 3.17
CA GLN C 76 1.29 7.28 2.45
C GLN C 76 0.96 8.53 3.25
N LYS C 77 0.92 9.66 2.57
CA LYS C 77 0.36 10.88 3.13
C LYS C 77 -1.17 10.83 3.05
N VAL C 78 -1.81 11.18 4.16
CA VAL C 78 -3.27 11.16 4.27
C VAL C 78 -3.76 12.59 4.11
N CYS C 79 -4.61 12.83 3.11
CA CYS C 79 -5.08 14.17 2.78
C CYS C 79 -6.60 14.21 2.84
N ASN C 80 -7.13 15.03 3.74
CA ASN C 80 -8.57 15.24 3.82
C ASN C 80 -8.78 16.67 4.29
N LYS C 81 -9.34 17.50 3.40
CA LYS C 81 -9.46 18.93 3.65
C LYS C 81 -10.37 19.24 4.84
N LYS C 82 -11.52 18.57 4.90
CA LYS C 82 -12.48 18.76 6.00
C LYS C 82 -11.86 18.39 7.35
N LEU C 83 -11.19 17.25 7.40
CA LEU C 83 -10.52 16.80 8.63
C LEU C 83 -9.37 17.71 9.02
N TRP C 84 -8.61 18.19 8.04
CA TRP C 84 -7.51 19.12 8.31
C TRP C 84 -8.04 20.42 8.91
N GLU C 85 -9.11 20.95 8.33
CA GLU C 85 -9.74 22.17 8.84
C GLU C 85 -10.28 22.00 10.26
N ARG C 86 -10.90 20.85 10.53
CA ARG C 86 -11.36 20.48 11.88
C ARG C 86 -10.19 20.52 12.85
N TYR C 87 -9.07 19.90 12.46
CA TYR C 87 -7.85 19.90 13.27
C TYR C 87 -7.30 21.32 13.52
N THR C 88 -7.14 22.12 12.47
CA THR C 88 -6.54 23.46 12.61
C THR C 88 -7.42 24.44 13.39
N HIS C 89 -8.74 24.27 13.30
CA HIS C 89 -9.68 25.05 14.08
C HIS C 89 -9.49 24.76 15.57
N ARG C 90 -9.42 23.48 15.93
CA ARG C 90 -9.19 23.09 17.32
C ARG C 90 -7.80 23.54 17.78
N ARG C 91 -6.80 23.40 16.92
CA ARG C 91 -5.43 23.79 17.28
C ARG C 91 -5.36 25.27 17.65
N LYS C 92 -6.07 26.10 16.89
CA LYS C 92 -6.12 27.54 17.14
C LYS C 92 -6.78 27.85 18.49
N GLU C 93 -7.88 27.17 18.81
CA GLU C 93 -8.54 27.31 20.12
C GLU C 93 -7.61 26.95 21.26
N VAL C 94 -6.94 25.81 21.12
CA VAL C 94 -6.00 25.33 22.14
C VAL C 94 -4.80 26.27 22.27
N SER C 95 -4.23 26.68 21.13
CA SER C 95 -3.08 27.59 21.12
C SER C 95 -3.40 28.88 21.88
N GLU C 96 -4.55 29.46 21.57
CA GLU C 96 -4.97 30.71 22.22
C GLU C 96 -5.18 30.53 23.73
N GLU C 97 -5.84 29.43 24.12
CA GLU C 97 -6.01 29.10 25.53
C GLU C 97 -4.71 28.88 26.29
N ASN C 98 -3.71 28.34 25.60
CA ASN C 98 -2.39 28.09 26.17
C ASN C 98 -1.38 29.18 25.79
N HIS C 99 -1.87 30.43 25.68
CA HIS C 99 -1.01 31.61 25.52
C HIS C 99 -0.12 31.53 24.28
N ASN C 100 -0.79 31.22 23.15
CA ASN C 100 -0.18 31.11 21.83
CA ASN C 100 -0.17 31.13 21.83
C ASN C 100 0.87 30.00 21.73
N HIS C 101 0.52 28.83 22.27
CA HIS C 101 1.40 27.64 22.21
C HIS C 101 0.55 26.39 22.00
N ALA C 102 0.52 25.88 20.77
CA ALA C 102 -0.20 24.65 20.45
C ALA C 102 0.43 23.42 21.08
N ASN C 103 1.75 23.45 21.26
CA ASN C 103 2.50 22.31 21.77
C ASN C 103 2.21 21.07 20.90
N GLU C 104 2.44 21.25 19.61
CA GLU C 104 2.14 20.24 18.60
C GLU C 104 3.29 19.26 18.41
N ARG C 105 2.97 17.97 18.39
CA ARG C 105 3.93 16.88 18.27
C ARG C 105 3.57 16.00 17.09
N MET C 106 4.55 15.22 16.65
CA MET C 106 4.30 14.06 15.78
C MET C 106 4.45 12.80 16.63
N LEU C 107 3.40 11.98 16.66
CA LEU C 107 3.29 10.81 17.54
C LEU C 107 2.65 9.62 16.84
N PHE C 108 2.99 8.42 17.29
CA PHE C 108 2.44 7.19 16.70
C PHE C 108 1.08 6.83 17.29
N HIS C 109 0.24 6.16 16.49
CA HIS C 109 -1.02 5.60 16.97
C HIS C 109 -1.26 4.28 16.26
N GLY C 110 -1.47 3.23 17.03
CA GLY C 110 -1.82 1.92 16.51
C GLY C 110 -3.22 1.59 16.94
N SER C 111 -4.01 1.01 16.03
CA SER C 111 -5.43 0.80 16.31
C SER C 111 -6.05 -0.15 15.30
N PRO C 112 -6.98 -1.01 15.75
CA PRO C 112 -7.76 -1.77 14.76
C PRO C 112 -8.75 -0.91 13.97
N PHE C 113 -8.92 0.36 14.34
CA PHE C 113 -9.85 1.28 13.67
C PHE C 113 -9.16 2.21 12.67
N VAL C 114 -7.93 1.89 12.27
CA VAL C 114 -7.13 2.75 11.38
C VAL C 114 -7.87 3.17 10.09
N ASN C 115 -8.65 2.26 9.49
CA ASN C 115 -9.37 2.59 8.27
CA ASN C 115 -9.41 2.58 8.27
C ASN C 115 -10.50 3.60 8.54
N ALA C 116 -11.21 3.45 9.65
CA ALA C 116 -12.21 4.42 10.06
C ALA C 116 -11.58 5.78 10.38
N ILE C 117 -10.42 5.77 11.04
CA ILE C 117 -9.77 7.02 11.44
C ILE C 117 -9.39 7.88 10.23
N ILE C 118 -8.80 7.27 9.22
CA ILE C 118 -8.30 8.06 8.08
C ILE C 118 -9.42 8.68 7.25
N HIS C 119 -10.61 8.07 7.30
CA HIS C 119 -11.75 8.55 6.53
C HIS C 119 -12.67 9.50 7.29
N LYS C 120 -12.87 9.23 8.58
CA LYS C 120 -13.83 9.98 9.39
C LYS C 120 -13.21 10.80 10.52
N GLY C 121 -11.91 10.61 10.77
CA GLY C 121 -11.20 11.31 11.83
C GLY C 121 -11.25 10.57 13.14
N PHE C 122 -10.44 11.01 14.10
CA PHE C 122 -10.53 10.51 15.46
C PHE C 122 -11.82 10.99 16.16
N ASP C 123 -12.37 10.14 17.02
CA ASP C 123 -13.55 10.48 17.84
C ASP C 123 -13.67 9.47 19.00
N GLU C 124 -14.69 9.62 19.84
CA GLU C 124 -14.91 8.75 21.01
C GLU C 124 -14.81 7.23 20.77
N ARG C 125 -15.18 6.76 19.57
CA ARG C 125 -15.06 5.33 19.22
C ARG C 125 -13.60 4.83 19.28
N HIS C 126 -12.65 5.74 19.09
CA HIS C 126 -11.23 5.42 18.99
C HIS C 126 -10.46 5.61 20.30
N ALA C 127 -11.19 5.93 21.37
CA ALA C 127 -10.61 6.08 22.71
C ALA C 127 -10.36 4.74 23.39
N TYR C 128 -9.46 4.78 24.37
CA TYR C 128 -9.10 3.65 25.23
C TYR C 128 -9.78 3.86 26.56
N ILE C 129 -10.93 3.21 26.72
CA ILE C 129 -11.79 3.47 27.88
C ILE C 129 -11.07 3.10 29.17
N GLY C 130 -10.34 1.99 29.17
CA GLY C 130 -9.64 1.51 30.37
C GLY C 130 -8.20 1.96 30.54
N GLY C 131 -7.78 3.01 29.82
CA GLY C 131 -6.41 3.48 29.90
C GLY C 131 -6.05 4.11 31.24
N MET C 132 -4.77 3.99 31.60
CA MET C 132 -4.28 4.45 32.90
C MET C 132 -4.45 5.95 33.16
N PHE C 133 -4.56 6.76 32.11
CA PHE C 133 -4.78 8.20 32.25
C PHE C 133 -6.19 8.62 31.86
N GLY C 134 -7.15 7.71 32.00
CA GLY C 134 -8.55 7.99 31.71
C GLY C 134 -8.93 7.68 30.29
N ALA C 135 -10.24 7.71 30.03
CA ALA C 135 -10.80 7.41 28.72
C ALA C 135 -10.47 8.53 27.77
N GLY C 136 -9.44 8.32 26.97
CA GLY C 136 -9.04 9.27 25.94
C GLY C 136 -8.37 8.53 24.81
N ILE C 137 -7.84 9.29 23.85
CA ILE C 137 -7.15 8.71 22.70
C ILE C 137 -5.64 8.79 22.98
N TYR C 138 -4.97 7.65 22.86
CA TYR C 138 -3.59 7.47 23.31
C TYR C 138 -2.62 7.45 22.13
N PHE C 139 -1.49 8.12 22.31
CA PHE C 139 -0.43 8.22 21.30
C PHE C 139 0.90 7.91 21.97
N ALA C 140 1.88 7.48 21.19
CA ALA C 140 3.18 7.09 21.73
C ALA C 140 4.33 7.71 20.98
N GLU C 141 5.38 8.05 21.71
CA GLU C 141 6.68 8.36 21.10
C GLU C 141 7.40 7.11 20.59
N ASN C 142 7.26 5.98 21.28
CA ASN C 142 7.83 4.71 20.80
C ASN C 142 6.91 4.08 19.75
N SER C 143 7.40 3.93 18.52
CA SER C 143 6.61 3.21 17.52
C SER C 143 6.22 1.82 18.00
N SER C 144 7.12 1.15 18.70
CA SER C 144 6.86 -0.22 19.16
C SER C 144 5.77 -0.27 20.23
N LYS C 145 5.55 0.81 20.97
CA LYS C 145 4.41 0.88 21.91
C LYS C 145 3.11 0.87 21.11
N SER C 146 2.98 1.75 20.12
CA SER C 146 1.78 1.75 19.27
C SER C 146 1.57 0.43 18.52
N ASN C 147 2.67 -0.23 18.13
CA ASN C 147 2.59 -1.55 17.50
C ASN C 147 1.86 -2.59 18.36
N GLN C 148 1.93 -2.45 19.68
CA GLN C 148 1.19 -3.35 20.59
C GLN C 148 -0.33 -3.27 20.46
N TYR C 149 -0.85 -2.24 19.79
CA TYR C 149 -2.29 -1.99 19.70
C TYR C 149 -2.88 -2.17 18.30
N VAL C 150 -2.04 -2.55 17.35
CA VAL C 150 -2.49 -2.71 15.95
C VAL C 150 -3.59 -3.77 15.82
N TYR C 151 -3.46 -4.85 16.57
CA TYR C 151 -4.44 -5.94 16.54
C TYR C 151 -5.41 -5.92 17.74
N GLY C 152 -5.42 -4.81 18.48
CA GLY C 152 -6.29 -4.61 19.63
C GLY C 152 -5.52 -4.38 20.90
N ILE C 153 -6.26 -4.18 21.99
CA ILE C 153 -5.66 -3.95 23.30
C ILE C 153 -4.89 -5.20 23.69
N GLY C 154 -3.63 -5.03 24.10
CA GLY C 154 -2.76 -6.15 24.42
C GLY C 154 -2.41 -7.04 23.24
N GLY C 155 -2.56 -6.51 22.02
CA GLY C 155 -2.36 -7.28 20.81
C GLY C 155 -3.55 -8.13 20.39
N GLY C 156 -4.67 -8.07 21.12
CA GLY C 156 -5.82 -8.93 20.85
C GLY C 156 -5.42 -10.38 20.70
N THR C 157 -5.91 -11.02 19.64
CA THR C 157 -5.51 -12.38 19.31
C THR C 157 -4.49 -12.44 18.17
N GLY C 158 -3.84 -11.31 17.86
CA GLY C 158 -2.83 -11.25 16.80
C GLY C 158 -3.44 -11.08 15.43
N CYS C 159 -2.65 -11.41 14.41
CA CYS C 159 -3.09 -11.20 13.03
C CYS C 159 -4.33 -12.05 12.74
N PRO C 160 -5.23 -11.55 11.86
CA PRO C 160 -6.41 -12.37 11.50
C PRO C 160 -6.10 -13.73 10.90
N VAL C 161 -5.10 -13.78 10.03
CA VAL C 161 -4.79 -15.00 9.26
C VAL C 161 -4.20 -16.13 10.12
N HIS C 162 -3.24 -15.80 10.98
CA HIS C 162 -2.49 -16.80 11.75
C HIS C 162 -2.74 -16.77 13.27
N LYS C 163 -3.54 -15.81 13.75
CA LYS C 163 -3.77 -15.61 15.19
C LYS C 163 -2.45 -15.51 15.97
N ASP C 164 -1.52 -14.71 15.43
CA ASP C 164 -0.15 -14.64 15.93
C ASP C 164 0.18 -13.17 16.19
N ARG C 165 0.33 -12.81 17.47
CA ARG C 165 0.72 -11.44 17.84
C ARG C 165 2.14 -11.09 17.38
N SER C 166 2.97 -12.10 17.12
CA SER C 166 4.32 -11.89 16.58
C SER C 166 4.45 -12.28 15.12
N CYS C 167 3.36 -12.18 14.35
CA CYS C 167 3.40 -12.60 12.96
C CYS C 167 4.41 -11.74 12.20
N TYR C 168 5.28 -12.41 11.45
CA TYR C 168 6.28 -11.77 10.59
C TYR C 168 5.85 -11.75 9.12
N ILE C 169 4.68 -12.31 8.82
CA ILE C 169 4.17 -12.41 7.45
C ILE C 169 3.18 -11.29 7.16
N CYS C 170 2.18 -11.15 8.02
CA CYS C 170 1.08 -10.26 7.73
C CYS C 170 1.48 -8.79 7.82
N HIS C 171 0.86 -7.99 6.96
CA HIS C 171 1.14 -6.57 6.87
C HIS C 171 0.39 -5.81 7.92
N ARG C 172 1.09 -4.95 8.68
CA ARG C 172 0.50 -4.13 9.72
C ARG C 172 0.44 -2.69 9.26
N GLN C 173 -0.43 -1.91 9.90
CA GLN C 173 -0.49 -0.46 9.66
C GLN C 173 -0.43 0.34 10.95
N LEU C 174 0.33 1.43 10.94
CA LEU C 174 0.41 2.41 12.04
C LEU C 174 0.13 3.78 11.46
N LEU C 175 -0.36 4.71 12.29
CA LEU C 175 -0.45 6.10 11.91
C LEU C 175 0.64 6.90 12.59
N PHE C 176 1.14 7.92 11.89
CA PHE C 176 2.06 8.89 12.46
C PHE C 176 1.31 10.19 12.35
N CYS C 177 0.94 10.75 13.50
CA CYS C 177 -0.09 11.77 13.60
C CYS C 177 0.44 13.09 14.15
N ARG C 178 -0.13 14.17 13.65
CA ARG C 178 0.06 15.50 14.21
C ARG C 178 -0.92 15.64 15.39
N VAL C 179 -0.40 15.94 16.58
CA VAL C 179 -1.20 15.95 17.80
C VAL C 179 -0.99 17.27 18.54
N THR C 180 -2.08 17.95 18.86
CA THR C 180 -2.04 19.20 19.63
C THR C 180 -2.15 18.86 21.12
N LEU C 181 -1.08 19.11 21.87
CA LEU C 181 -1.08 18.83 23.32
C LEU C 181 -1.57 19.99 24.20
N GLY C 182 -1.39 21.22 23.73
CA GLY C 182 -1.64 22.39 24.57
C GLY C 182 -0.88 22.31 25.88
N LYS C 183 -1.49 22.89 26.91
CA LYS C 183 -1.07 22.66 28.29
C LYS C 183 -1.29 21.20 28.67
N SER C 184 -0.19 20.46 28.82
CA SER C 184 -0.25 19.03 29.08
C SER C 184 0.04 18.75 30.55
N PHE C 185 -0.83 17.96 31.16
CA PHE C 185 -0.69 17.57 32.55
C PHE C 185 0.35 16.45 32.64
N LEU C 186 1.45 16.71 33.33
CA LEU C 186 2.48 15.71 33.50
C LEU C 186 2.10 14.72 34.58
N GLN C 187 2.03 13.44 34.21
CA GLN C 187 1.75 12.35 35.11
C GLN C 187 2.88 11.35 35.00
N PHE C 188 3.70 11.23 36.03
CA PHE C 188 4.70 10.17 36.10
C PHE C 188 3.96 8.86 36.29
N SER C 189 4.41 7.83 35.59
CA SER C 189 3.76 6.52 35.64
C SER C 189 4.79 5.52 36.09
N ALA C 190 4.32 4.50 36.79
CA ALA C 190 5.19 3.49 37.39
C ALA C 190 5.77 2.49 36.38
N MET C 191 5.46 2.65 35.09
CA MET C 191 5.95 1.76 34.05
C MET C 191 7.39 2.11 33.67
N MET D 2 -15.91 9.09 26.73
CA MET D 2 -14.59 9.81 26.72
C MET D 2 -14.54 10.85 27.86
N ALA D 3 -13.48 10.78 28.67
CA ALA D 3 -13.31 11.67 29.82
C ALA D 3 -12.95 13.08 29.37
N HIS D 4 -12.93 14.01 30.32
CA HIS D 4 -12.45 15.37 30.07
C HIS D 4 -10.98 15.46 30.46
N SER D 5 -10.30 16.47 29.94
CA SER D 5 -8.92 16.77 30.33
C SER D 5 -8.91 17.25 31.79
N PRO D 6 -7.74 17.20 32.44
CA PRO D 6 -7.62 17.83 33.76
C PRO D 6 -7.92 19.33 33.66
N PRO D 7 -8.63 19.90 34.66
CA PRO D 7 -8.95 21.33 34.61
C PRO D 7 -7.76 22.22 34.24
N GLY D 8 -7.96 23.08 33.24
CA GLY D 8 -6.91 23.96 32.76
C GLY D 8 -5.86 23.30 31.87
N HIS D 9 -6.08 22.04 31.49
CA HIS D 9 -5.15 21.32 30.62
C HIS D 9 -5.88 20.80 29.39
N HIS D 10 -5.11 20.50 28.33
CA HIS D 10 -5.67 19.98 27.08
C HIS D 10 -5.27 18.53 26.76
N SER D 11 -4.41 17.94 27.59
CA SER D 11 -3.89 16.60 27.36
C SER D 11 -3.18 16.14 28.60
N VAL D 12 -2.79 14.87 28.60
CA VAL D 12 -1.99 14.29 29.67
C VAL D 12 -0.73 13.71 29.04
N THR D 13 0.40 13.93 29.71
CA THR D 13 1.68 13.34 29.34
C THR D 13 1.96 12.26 30.36
N GLY D 14 1.93 11.01 29.91
CA GLY D 14 2.25 9.86 30.74
C GLY D 14 3.71 9.54 30.57
N ARG D 15 4.50 9.77 31.60
CA ARG D 15 5.94 9.64 31.47
C ARG D 15 6.47 8.50 32.32
N PRO D 16 6.93 7.41 31.69
CA PRO D 16 7.48 6.29 32.46
C PRO D 16 8.62 6.72 33.38
N SER D 17 8.53 6.39 34.67
CA SER D 17 9.55 6.75 35.64
C SER D 17 10.43 5.58 36.11
N VAL D 18 10.12 4.35 35.70
CA VAL D 18 10.91 3.17 36.08
C VAL D 18 11.80 2.70 34.91
N ASN D 19 11.21 2.48 33.75
CA ASN D 19 11.98 2.11 32.55
C ASN D 19 12.54 3.37 31.90
N GLY D 20 13.84 3.57 32.06
CA GLY D 20 14.52 4.76 31.59
C GLY D 20 14.68 4.86 30.09
N LEU D 21 14.44 3.77 29.38
CA LEU D 21 14.43 3.78 27.92
C LEU D 21 13.04 3.91 27.32
N ALA D 22 12.00 3.88 28.14
CA ALA D 22 10.64 4.01 27.65
C ALA D 22 10.31 5.49 27.47
N LEU D 23 9.82 5.84 26.29
CA LEU D 23 9.47 7.21 25.98
C LEU D 23 8.04 7.50 26.44
N ALA D 24 7.62 8.75 26.31
CA ALA D 24 6.32 9.17 26.81
C ALA D 24 5.16 8.68 25.97
N GLU D 25 4.00 8.63 26.61
CA GLU D 25 2.73 8.36 25.99
C GLU D 25 1.85 9.57 26.29
N TYR D 26 0.93 9.86 25.40
CA TYR D 26 0.11 11.08 25.49
C TYR D 26 -1.34 10.75 25.28
N VAL D 27 -2.20 11.46 26.01
CA VAL D 27 -3.64 11.28 25.91
C VAL D 27 -4.32 12.61 25.59
N ILE D 28 -5.19 12.59 24.59
CA ILE D 28 -6.09 13.71 24.30
C ILE D 28 -7.51 13.24 24.51
N TYR D 29 -8.40 14.20 24.77
CA TYR D 29 -9.79 13.92 25.09
C TYR D 29 -10.78 14.51 24.08
N ARG D 30 -10.24 15.04 22.98
CA ARG D 30 -11.02 15.57 21.88
C ARG D 30 -10.38 15.00 20.62
N GLY D 31 -11.14 14.29 19.80
CA GLY D 31 -10.62 13.74 18.55
C GLY D 31 -10.09 14.78 17.57
N GLU D 32 -10.61 16.02 17.66
CA GLU D 32 -10.16 17.12 16.82
C GLU D 32 -8.73 17.61 17.12
N GLN D 33 -8.12 17.13 18.21
CA GLN D 33 -6.73 17.45 18.54
C GLN D 33 -5.69 16.52 17.92
N ALA D 34 -6.11 15.64 17.00
CA ALA D 34 -5.13 14.84 16.25
C ALA D 34 -5.54 14.75 14.78
N TYR D 35 -4.53 14.71 13.91
CA TYR D 35 -4.74 14.53 12.48
C TYR D 35 -3.84 13.39 12.01
N PRO D 36 -4.40 12.39 11.32
CA PRO D 36 -3.64 11.20 10.90
C PRO D 36 -2.81 11.46 9.63
N GLU D 37 -1.64 12.06 9.80
CA GLU D 37 -0.87 12.60 8.68
CA GLU D 37 -0.85 12.59 8.68
C GLU D 37 -0.25 11.54 7.75
N TYR D 38 0.30 10.47 8.33
CA TYR D 38 0.92 9.39 7.56
C TYR D 38 0.35 8.05 7.94
N LEU D 39 0.11 7.22 6.94
CA LEU D 39 -0.28 5.83 7.10
C LEU D 39 0.90 4.97 6.67
N ILE D 40 1.43 4.18 7.59
CA ILE D 40 2.64 3.40 7.39
C ILE D 40 2.27 1.92 7.37
N THR D 41 2.62 1.21 6.29
CA THR D 41 2.37 -0.23 6.16
C THR D 41 3.71 -0.93 6.32
N TYR D 42 3.76 -1.96 7.17
CA TYR D 42 5.03 -2.55 7.56
C TYR D 42 4.86 -3.99 8.04
N GLN D 43 5.99 -4.68 8.15
CA GLN D 43 6.08 -5.93 8.89
C GLN D 43 7.07 -5.75 10.03
N ILE D 44 6.84 -6.45 11.15
CA ILE D 44 7.93 -6.63 12.12
C ILE D 44 8.90 -7.67 11.57
N MET D 45 10.18 -7.53 11.86
CA MET D 45 11.21 -8.44 11.35
C MET D 45 11.68 -9.38 12.45
N ARG D 46 11.80 -10.66 12.11
CA ARG D 46 12.33 -11.65 13.05
C ARG D 46 13.81 -11.38 13.30
N PRO D 47 14.25 -11.24 14.58
CA PRO D 47 15.67 -11.07 14.86
C PRO D 47 16.52 -12.22 14.30
N GLU D 48 17.73 -11.89 13.83
CA GLU D 48 18.63 -12.89 13.24
C GLU D 48 19.42 -13.57 14.35
S SO4 E . -5.08 2.00 -4.81
S SO4 E . -5.06 1.56 -4.69
O1 SO4 E . -4.61 3.25 -5.42
O1 SO4 E . -5.17 0.14 -4.32
O2 SO4 E . -4.45 1.87 -3.46
O2 SO4 E . -4.22 2.27 -3.69
O3 SO4 E . -6.55 2.00 -4.67
O3 SO4 E . -6.40 2.19 -4.78
O4 SO4 E . -4.65 0.84 -5.64
O4 SO4 E . -4.38 1.69 -6.00
S SO4 F . -17.74 9.04 -18.01
O1 SO4 F . -17.20 9.22 -16.65
O2 SO4 F . -16.61 8.89 -18.97
O3 SO4 F . -18.54 10.23 -18.36
O4 SO4 F . -18.58 7.81 -18.05
ZN ZN G . 0.38 14.47 -22.41
NAR 9CE H . 3.38 -2.44 -13.17
CAP 9CE H . 2.12 -2.94 -12.91
OAQ 9CE H . 1.38 -3.16 -13.87
CAK 9CE H . 1.74 -3.15 -11.58
CAL 9CE H . 0.48 -3.64 -11.23
CAM 9CE H . 0.15 -3.83 -9.89
CAN 9CE H . 1.06 -3.49 -8.90
CAO 9CE H . 2.32 -3.00 -9.24
CAJ 9CE H . 2.66 -2.81 -10.58
NAI 9CE H . 3.90 -2.35 -10.86
CAH 9CE H . 4.29 -2.14 -12.14
CAG 9CE H . 5.61 -1.69 -12.43
CAF 9CE H . 6.16 -1.93 -13.70
CAE 9CE H . 7.47 -1.57 -14.04
CAD 9CE H . 8.29 -0.99 -13.09
CAC 9CE H . 7.80 -0.77 -11.81
CAB 9CE H . 6.49 -1.12 -11.48
NAA 9CE H . 6.06 -0.87 -10.22
C1 GOL I . -13.21 -8.27 2.47
O1 GOL I . -13.19 -7.99 3.88
C2 GOL I . -12.90 -7.03 1.62
O2 GOL I . -13.69 -5.91 2.05
C3 GOL I . -11.41 -6.70 1.72
O3 GOL I . -10.96 -6.04 0.51
S SO4 J . 5.90 -1.88 28.23
S SO4 J . 5.90 -1.95 28.21
O1 SO4 J . 5.52 -0.68 27.47
O1 SO4 J . 5.24 -1.45 26.99
O2 SO4 J . 7.37 -2.05 28.23
O2 SO4 J . 7.37 -2.07 28.22
O3 SO4 J . 5.42 -1.75 29.62
O3 SO4 J . 5.13 -2.20 29.46
O4 SO4 J . 5.29 -3.08 27.60
O4 SO4 J . 6.01 -0.56 28.67
ZN ZN K . -0.25 -13.46 10.14
NAR 9CE L . -3.11 2.90 20.67
CAP 9CE L . -1.82 3.41 20.88
OAQ 9CE L . -1.15 3.70 19.88
CAK 9CE L . -1.37 3.57 22.18
CAL 9CE L . -0.10 4.09 22.48
CAM 9CE L . 0.31 4.23 23.81
CAN 9CE L . -0.54 3.82 24.84
CAO 9CE L . -1.80 3.31 24.55
CAJ 9CE L . -2.22 3.18 23.22
NAI 9CE L . -3.46 2.68 22.99
CAH 9CE L . -3.95 2.51 21.74
CAG 9CE L . -5.26 2.06 21.53
CAF 9CE L . -5.89 2.29 20.27
CAE 9CE L . -7.20 1.91 20.02
CAD 9CE L . -7.96 1.30 21.00
CAC 9CE L . -7.39 1.08 22.24
CAB 9CE L . -6.07 1.46 22.51
NAA 9CE L . -5.57 1.23 23.73
C1 GOL M . 12.11 -8.16 22.10
O1 GOL M . 11.26 -7.69 21.04
C2 GOL M . 11.28 -8.60 23.30
O2 GOL M . 12.14 -9.28 24.23
C3 GOL M . 10.71 -7.39 24.01
O3 GOL M . 10.00 -6.53 23.11
S SO4 N . 18.05 -7.97 13.79
O1 SO4 N . 18.93 -6.86 13.37
O2 SO4 N . 18.61 -9.28 13.40
O3 SO4 N . 16.72 -7.79 13.15
O4 SO4 N . 17.91 -7.94 15.26
#